data_7RWR
#
_entry.id   7RWR
#
loop_
_entity.id
_entity.type
_entity.pdbx_description
1 polymer 'RNA (38-MER)'
2 non-polymer 'FLAVIN MONONUCLEOTIDE'
#
_entity_poly.entity_id   1
_entity_poly.type   'polyribonucleotide'
_entity_poly.pdbx_seq_one_letter_code
;GGAUACACAAGAGUGAUUGAAACUAAGUCUGUGUAUCC
;
_entity_poly.pdbx_strand_id   A
#